data_4BXW
#
_entry.id   4BXW
#
_cell.length_a   179.310
_cell.length_b   179.310
_cell.length_c   179.310
_cell.angle_alpha   90.00
_cell.angle_beta   90.00
_cell.angle_gamma   90.00
#
_symmetry.space_group_name_H-M   'I 21 3'
#
loop_
_entity.id
_entity.type
_entity.pdbx_description
1 polymer 'FACTOR XA'
2 polymer 'COAGULATION FACTOR V'
3 non-polymer L-alpha-glutamyl-N-{(1S)-4-{[amino(iminio)methyl]amino}-1-[(1S)-2-chloro-1-hydroxyethyl]butyl}glycinamide
4 non-polymer 'SODIUM ION'
5 non-polymer GLYCEROL
6 water water
#
loop_
_entity_poly.entity_id
_entity_poly.type
_entity_poly.pdbx_seq_one_letter_code
_entity_poly.pdbx_strand_id
1 'polypeptide(L)'
;ANSLVEEFKSGNIERECIEERCSKEEAREVFEDDEKTETFWNVYVDGDQCSSNPCHYRGICKDGIGSYTCTCLSGYEGKN
CERVLYKSCRVDNGNCWHFCKHVQNDIQCSCAEGYLLGEDGHSCVAGGNFSCGRNIKTRNKREANLPDFVQSQNATLLKK
SDNPSPDIRIVNGMDCKLGECPWQAALVDEKEGVFCGGTILSPIYVLTAAHCINETETISVVVGEIDKSRIETGPLLSVD
KIYVHKKFVPPQKAYKFDLAAYDYDIAIIQMKTPIQFSENVVPACLPTADFANQVLMKQDFGIVSGFGRIVEKGPKSKTL
KVLKVPYVDRHTCMVSSETPITPNMFCAGYDTLPRDACQGDSGGPHTTVYRDTHFITGIVSSGEGCARNGKYGNYTKLSK
FIPWIKRIMRQKLPSTESSTGRL
;
A,B
2 'polypeptide(L)' GNEEEEEDDGDIFADIFI F
#
# COMPACT_ATOMS: atom_id res chain seq x y z
N CYS A 89 7.56 -31.08 22.23
CA CYS A 89 8.96 -31.22 22.74
C CYS A 89 9.42 -29.98 23.49
N ARG A 90 8.59 -29.52 24.42
CA ARG A 90 8.92 -28.36 25.24
C ARG A 90 9.69 -28.75 26.49
N VAL A 91 10.62 -29.68 26.32
CA VAL A 91 11.48 -30.11 27.42
C VAL A 91 12.93 -29.71 27.14
N ASP A 92 13.21 -28.42 27.26
CA ASP A 92 14.54 -27.88 27.00
C ASP A 92 14.80 -27.78 25.50
N ASN A 93 13.71 -27.81 24.73
CA ASN A 93 13.77 -27.70 23.27
C ASN A 93 14.33 -28.94 22.60
N GLY A 94 14.13 -30.08 23.25
CA GLY A 94 14.62 -31.36 22.72
C GLY A 94 16.12 -31.41 22.61
N ASN A 95 16.80 -30.59 23.42
CA ASN A 95 18.24 -30.45 23.34
C ASN A 95 18.70 -30.04 21.95
N CYS A 96 17.80 -29.37 21.22
CA CYS A 96 18.10 -28.93 19.87
C CYS A 96 18.41 -27.44 19.77
N TRP A 97 19.35 -27.11 18.91
CA TRP A 97 19.91 -25.76 18.86
C TRP A 97 18.93 -24.72 18.35
N HIS A 98 18.04 -25.12 17.45
CA HIS A 98 17.08 -24.17 16.90
C HIS A 98 15.63 -24.61 17.09
N PHE A 99 15.01 -25.09 16.01
CA PHE A 99 13.58 -25.40 16.03
C PHE A 99 13.33 -26.87 16.37
N CYS A 100 12.33 -27.10 17.22
CA CYS A 100 12.00 -28.45 17.62
C CYS A 100 10.54 -28.78 17.30
N LYS A 101 10.34 -29.73 16.39
CA LYS A 101 9.00 -30.18 16.03
C LYS A 101 8.74 -31.56 16.63
N HIS A 102 7.68 -31.66 17.44
CA HIS A 102 7.37 -32.91 18.12
C HIS A 102 6.82 -33.96 17.18
N ILE A 107 10.74 -36.74 18.60
CA ILE A 107 10.87 -35.34 18.24
C ILE A 107 11.66 -35.16 16.95
N GLN A 108 11.34 -34.10 16.21
CA GLN A 108 12.02 -33.78 14.96
C GLN A 108 12.75 -32.45 15.13
N CYS A 109 13.97 -32.36 14.61
CA CYS A 109 14.76 -31.15 14.75
C CYS A 109 15.23 -30.53 13.45
N SER A 110 15.36 -29.21 13.46
CA SER A 110 15.76 -28.45 12.27
C SER A 110 16.52 -27.19 12.65
N CYS A 111 16.72 -26.31 11.67
CA CYS A 111 17.52 -25.10 11.86
C CYS A 111 16.96 -23.95 11.04
N ALA A 112 17.48 -22.75 11.29
CA ALA A 112 17.09 -21.57 10.54
C ALA A 112 17.65 -21.60 9.12
N GLU A 113 17.01 -20.87 8.21
CA GLU A 113 17.49 -20.74 6.84
C GLU A 113 18.99 -20.47 6.86
N GLY A 114 19.73 -21.18 6.02
CA GLY A 114 21.18 -20.98 5.92
C GLY A 114 21.94 -21.70 7.02
N TYR A 115 21.28 -22.64 7.68
CA TYR A 115 21.92 -23.45 8.71
C TYR A 115 21.77 -24.93 8.42
N LEU A 116 22.69 -25.73 8.95
CA LEU A 116 22.75 -27.15 8.65
C LEU A 116 22.69 -27.98 9.92
N LEU A 117 21.83 -28.99 9.93
CA LEU A 117 21.67 -29.85 11.10
C LEU A 117 22.85 -30.81 11.25
N GLY A 118 23.38 -30.90 12.46
CA GLY A 118 24.54 -31.74 12.73
C GLY A 118 24.27 -33.22 12.52
N GLU A 119 25.28 -34.05 12.72
CA GLU A 119 25.13 -35.49 12.57
C GLU A 119 24.39 -36.07 13.78
N ASP A 120 24.34 -35.30 14.86
CA ASP A 120 23.70 -35.75 16.09
C ASP A 120 22.19 -35.47 16.08
N GLY A 121 21.74 -34.79 15.03
CA GLY A 121 20.32 -34.47 14.89
C GLY A 121 19.87 -33.41 15.89
N HIS A 122 20.83 -32.69 16.46
CA HIS A 122 20.54 -31.64 17.43
C HIS A 122 21.20 -30.32 17.06
N SER A 123 22.45 -30.40 16.64
CA SER A 123 23.25 -29.21 16.38
C SER A 123 22.90 -28.52 15.07
N CYS A 124 23.16 -27.21 15.00
CA CYS A 124 22.97 -26.45 13.77
C CYS A 124 24.22 -25.63 13.50
N VAL A 125 24.79 -25.80 12.31
CA VAL A 125 26.01 -25.08 11.94
C VAL A 125 25.77 -24.15 10.75
N ALA A 126 26.60 -23.12 10.64
CA ALA A 126 26.44 -22.13 9.58
C ALA A 126 26.77 -22.72 8.23
N GLY A 127 25.80 -22.65 7.31
CA GLY A 127 25.97 -23.20 5.97
C GLY A 127 26.85 -22.34 5.08
N GLY A 128 26.83 -21.04 5.30
CA GLY A 128 27.63 -20.11 4.50
C GLY A 128 28.18 -18.98 5.34
N ASN A 129 28.78 -18.00 4.67
CA ASN A 129 29.38 -16.86 5.36
C ASN A 129 28.35 -15.76 5.65
N PHE A 130 27.27 -15.75 4.88
CA PHE A 130 26.23 -14.76 5.05
C PHE A 130 24.99 -15.32 5.74
N SER A 131 25.19 -16.38 6.52
CA SER A 131 24.09 -17.00 7.25
C SER A 131 23.48 -16.00 8.24
N CYS A 132 22.16 -15.96 8.27
CA CYS A 132 21.43 -15.02 9.10
C CYS A 132 21.83 -15.11 10.57
N GLY A 133 21.53 -14.07 11.33
CA GLY A 133 21.71 -14.09 12.77
C GLY A 133 23.13 -13.89 13.25
N ARG A 134 24.11 -14.26 12.41
CA ARG A 134 25.51 -14.18 12.81
C ARG A 134 26.01 -12.73 12.88
N ASN A 135 26.83 -12.47 13.87
CA ASN A 135 27.22 -11.10 14.22
C ASN A 135 28.74 -10.94 14.29
N ILE A 136 29.18 -9.93 15.04
CA ILE A 136 30.61 -9.74 15.29
C ILE A 136 31.02 -10.60 16.47
N LYS A 137 30.06 -11.34 17.02
CA LYS A 137 30.30 -12.21 18.17
C LYS A 137 29.63 -13.57 17.99
N ILE A 170 16.86 5.77 20.34
CA ILE A 170 17.16 5.03 21.56
C ILE A 170 17.65 5.97 22.66
N VAL A 171 17.02 5.90 23.82
CA VAL A 171 17.46 6.65 24.99
C VAL A 171 18.53 5.84 25.73
N ASN A 172 19.67 6.47 25.98
CA ASN A 172 20.71 5.85 26.82
C ASN A 172 21.13 4.45 26.38
N GLY A 173 21.37 4.27 25.09
CA GLY A 173 21.95 3.04 24.56
C GLY A 173 23.43 3.26 24.27
N MET A 174 24.03 2.35 23.51
CA MET A 174 25.43 2.48 23.12
C MET A 174 25.53 2.59 21.61
N ASP A 175 26.68 3.08 21.12
CA ASP A 175 26.95 3.10 19.69
C ASP A 175 27.17 1.68 19.19
N CYS A 176 26.24 1.17 18.39
CA CYS A 176 26.42 -0.15 17.81
C CYS A 176 27.54 -0.11 16.78
N LYS A 177 28.68 -0.71 17.11
CA LYS A 177 29.81 -0.78 16.20
C LYS A 177 29.42 -1.39 14.85
N LEU A 178 30.10 -0.95 13.80
CA LEU A 178 29.88 -1.51 12.46
C LEU A 178 30.10 -3.02 12.50
N GLY A 179 29.13 -3.76 12.01
CA GLY A 179 29.20 -5.22 12.02
C GLY A 179 28.59 -5.84 13.26
N GLU A 180 27.98 -5.01 14.10
CA GLU A 180 27.32 -5.50 15.31
C GLU A 180 25.80 -5.50 15.17
N CYS A 181 25.30 -4.74 14.21
CA CYS A 181 23.87 -4.70 13.92
C CYS A 181 23.65 -4.88 12.41
N PRO A 182 24.30 -5.91 11.83
CA PRO A 182 24.36 -6.10 10.39
C PRO A 182 22.97 -6.14 9.72
N TRP A 183 21.94 -6.50 10.48
CA TRP A 183 20.60 -6.61 9.94
C TRP A 183 19.84 -5.28 10.02
N GLN A 184 20.50 -4.26 10.54
CA GLN A 184 19.87 -2.95 10.68
C GLN A 184 19.71 -2.26 9.34
N ALA A 185 18.48 -1.85 9.04
CA ALA A 185 18.21 -1.10 7.82
C ALA A 185 17.86 0.32 8.17
N ALA A 186 18.11 1.24 7.25
CA ALA A 186 17.76 2.63 7.47
C ALA A 186 16.81 3.10 6.38
N LEU A 187 15.63 3.55 6.78
CA LEU A 187 14.66 4.09 5.84
C LEU A 187 14.92 5.57 5.62
N VAL A 188 15.08 5.96 4.37
CA VAL A 188 15.58 7.30 4.07
C VAL A 188 14.63 8.12 3.20
N ASP A 189 14.33 9.33 3.67
CA ASP A 189 13.45 10.25 2.96
C ASP A 189 14.25 11.46 2.50
N GLU A 190 14.01 11.88 1.25
CA GLU A 190 14.72 13.00 0.66
C GLU A 190 14.89 14.18 1.61
N LYS A 191 13.78 14.70 2.11
CA LYS A 191 13.79 15.93 2.89
C LYS A 191 13.95 15.70 4.39
N GLU A 192 13.64 14.49 4.85
CA GLU A 192 13.64 14.22 6.28
C GLU A 192 14.70 13.19 6.69
N GLY A 193 15.38 12.62 5.70
CA GLY A 193 16.45 11.67 5.97
C GLY A 193 15.96 10.38 6.58
N VAL A 194 16.64 9.91 7.61
CA VAL A 194 16.27 8.68 8.30
C VAL A 194 15.15 8.93 9.30
N PHE A 195 14.00 8.33 9.04
CA PHE A 195 12.83 8.51 9.90
C PHE A 195 12.46 7.21 10.62
N CYS A 196 12.88 6.10 10.03
CA CYS A 196 12.59 4.78 10.58
C CYS A 196 13.73 3.82 10.28
N GLY A 197 13.69 2.67 10.95
CA GLY A 197 14.61 1.58 10.68
C GLY A 197 13.85 0.36 10.21
N GLY A 198 14.60 -0.66 9.76
CA GLY A 198 14.00 -1.91 9.30
C GLY A 198 14.91 -3.07 9.62
N THR A 199 14.49 -4.28 9.26
CA THR A 199 15.27 -5.47 9.51
C THR A 199 15.37 -6.35 8.27
N ILE A 200 16.60 -6.64 7.84
CA ILE A 200 16.82 -7.47 6.65
C ILE A 200 16.43 -8.93 6.90
N LEU A 201 15.51 -9.43 6.09
CA LEU A 201 15.14 -10.85 6.14
C LEU A 201 15.93 -11.62 5.08
N SER A 202 15.96 -11.08 3.87
CA SER A 202 16.72 -11.67 2.76
C SER A 202 17.29 -10.57 1.88
N PRO A 203 17.93 -10.95 0.76
CA PRO A 203 18.52 -9.97 -0.14
C PRO A 203 17.46 -9.06 -0.78
N ILE A 204 16.22 -9.54 -0.80
CA ILE A 204 15.13 -8.87 -1.49
C ILE A 204 14.14 -8.17 -0.54
N TYR A 205 13.98 -8.73 0.67
CA TYR A 205 12.95 -8.24 1.60
C TYR A 205 13.52 -7.62 2.87
N VAL A 206 12.96 -6.47 3.24
CA VAL A 206 13.30 -5.82 4.51
C VAL A 206 12.05 -5.63 5.35
N LEU A 207 12.11 -6.04 6.61
CA LEU A 207 11.00 -5.91 7.54
C LEU A 207 10.94 -4.51 8.15
N THR A 208 9.73 -4.01 8.35
CA THR A 208 9.57 -2.70 8.98
C THR A 208 8.18 -2.56 9.60
N ALA A 209 7.91 -1.38 10.15
CA ALA A 209 6.61 -1.09 10.74
C ALA A 209 5.70 -0.41 9.72
N ALA A 210 4.41 -0.75 9.76
CA ALA A 210 3.44 -0.16 8.85
C ALA A 210 3.38 1.37 8.99
N HIS A 211 3.41 1.88 10.22
CA HIS A 211 3.27 3.31 10.42
C HIS A 211 4.43 4.10 9.83
N CYS A 212 5.46 3.40 9.35
CA CYS A 212 6.59 4.07 8.70
C CYS A 212 6.35 4.25 7.20
N ILE A 213 5.28 3.67 6.70
CA ILE A 213 4.99 3.68 5.27
C ILE A 213 3.96 4.76 4.91
N ASN A 214 4.17 5.41 3.77
CA ASN A 214 3.29 6.48 3.31
C ASN A 214 3.15 7.64 4.29
N GLU A 215 4.13 7.81 5.18
CA GLU A 215 4.14 8.96 6.07
C GLU A 215 5.19 9.97 5.60
N THR A 216 5.76 9.71 4.43
CA THR A 216 6.74 10.62 3.84
C THR A 216 6.70 10.54 2.31
N GLU A 217 7.26 11.56 1.66
CA GLU A 217 7.24 11.62 0.21
C GLU A 217 7.92 10.42 -0.43
N THR A 218 9.22 10.28 -0.19
CA THR A 218 9.98 9.17 -0.76
C THR A 218 10.53 8.27 0.33
N ILE A 219 10.81 7.02 -0.03
CA ILE A 219 11.38 6.07 0.90
C ILE A 219 12.43 5.19 0.25
N SER A 220 13.69 5.36 0.66
CA SER A 220 14.77 4.51 0.19
C SER A 220 15.38 3.71 1.34
N VAL A 221 16.19 2.70 1.01
CA VAL A 221 16.85 1.90 2.05
C VAL A 221 18.37 1.99 1.96
N VAL A 222 19.01 1.94 3.12
CA VAL A 222 20.48 1.91 3.21
C VAL A 222 20.90 0.96 4.32
N VAL A 223 21.94 0.16 4.04
CA VAL A 223 22.38 -0.86 4.97
C VAL A 223 23.89 -0.81 5.19
N GLY A 224 24.39 -1.65 6.08
CA GLY A 224 25.82 -1.72 6.36
C GLY A 224 26.43 -0.38 6.73
N GLU A 225 25.63 0.51 7.32
CA GLU A 225 26.10 1.82 7.72
C GLU A 225 25.53 2.22 9.08
N ILE A 226 26.38 2.85 9.89
CA ILE A 226 25.98 3.25 11.24
C ILE A 226 25.99 4.77 11.44
N ASP A 227 26.58 5.48 10.49
CA ASP A 227 26.61 6.93 10.54
C ASP A 227 25.34 7.52 9.92
N LYS A 228 24.66 8.37 10.67
CA LYS A 228 23.43 9.00 10.22
C LYS A 228 23.70 9.97 9.08
N SER A 229 24.78 10.74 9.19
CA SER A 229 25.12 11.75 8.20
C SER A 229 25.52 11.13 6.85
N ARG A 230 26.40 10.14 6.89
CA ARG A 230 26.89 9.50 5.67
C ARG A 230 25.79 8.74 4.92
N ILE A 231 24.78 8.28 5.64
CA ILE A 231 23.69 7.54 5.03
C ILE A 231 22.79 8.46 4.20
N GLU A 232 22.57 9.67 4.71
CA GLU A 232 21.70 10.62 4.03
C GLU A 232 22.37 11.24 2.80
N THR A 233 23.69 11.34 2.84
CA THR A 233 24.44 11.94 1.74
C THR A 233 24.91 10.90 0.71
N GLY A 234 24.96 9.65 1.12
CA GLY A 234 25.47 8.58 0.26
C GLY A 234 24.44 8.00 -0.67
N PRO A 235 24.81 6.95 -1.43
CA PRO A 235 23.95 6.27 -2.39
C PRO A 235 22.89 5.41 -1.71
N LEU A 236 21.67 5.44 -2.24
CA LEU A 236 20.53 4.78 -1.61
C LEU A 236 20.12 3.53 -2.38
N LEU A 237 19.30 2.70 -1.75
CA LEU A 237 18.76 1.50 -2.39
C LEU A 237 17.30 1.71 -2.76
N SER A 238 16.95 1.35 -3.98
CA SER A 238 15.60 1.58 -4.49
C SER A 238 14.60 0.55 -4.00
N VAL A 239 13.42 1.04 -3.66
CA VAL A 239 12.31 0.21 -3.17
C VAL A 239 11.35 -0.10 -4.31
N ASP A 240 10.98 -1.38 -4.45
CA ASP A 240 10.04 -1.78 -5.50
C ASP A 240 8.59 -1.76 -5.02
N LYS A 241 8.19 -2.79 -4.27
CA LYS A 241 6.88 -2.83 -3.65
C LYS A 241 6.99 -2.73 -2.14
N ILE A 242 5.86 -2.52 -1.48
CA ILE A 242 5.82 -2.54 -0.03
C ILE A 242 4.50 -3.15 0.42
N TYR A 243 4.59 -4.23 1.18
CA TYR A 243 3.41 -4.91 1.67
C TYR A 243 3.04 -4.42 3.07
N VAL A 244 1.97 -3.65 3.18
CA VAL A 244 1.47 -3.21 4.47
C VAL A 244 0.39 -4.18 4.93
N HIS A 245 0.48 -4.65 6.17
CA HIS A 245 -0.50 -5.61 6.67
C HIS A 245 -1.90 -5.03 6.54
N LYS A 246 -2.83 -5.84 6.04
CA LYS A 246 -4.19 -5.37 5.73
C LYS A 246 -4.99 -4.94 6.96
N LYS A 247 -4.56 -5.37 8.15
CA LYS A 247 -5.32 -5.07 9.35
C LYS A 247 -4.68 -3.99 10.21
N PHE A 248 -3.60 -3.40 9.71
CA PHE A 248 -2.88 -2.35 10.44
C PHE A 248 -3.81 -1.24 10.88
N VAL A 249 -3.64 -0.76 12.11
CA VAL A 249 -4.52 0.29 12.61
C VAL A 249 -3.77 1.58 12.94
N PRO A 250 -3.84 2.57 12.05
CA PRO A 250 -3.27 3.90 12.30
C PRO A 250 -4.13 4.70 13.26
N PRO A 251 -3.54 5.73 13.89
CA PRO A 251 -4.30 6.58 14.80
C PRO A 251 -5.64 6.98 14.18
N GLN A 252 -5.64 7.24 12.87
CA GLN A 252 -6.86 7.56 12.15
C GLN A 252 -7.95 6.54 12.47
N LYS A 253 -7.73 5.30 12.01
CA LYS A 253 -8.72 4.24 12.15
C LYS A 253 -9.10 3.95 13.60
N ALA A 254 -8.12 3.99 14.49
CA ALA A 254 -8.33 3.65 15.89
C ALA A 254 -9.31 4.59 16.59
N TYR A 255 -9.42 5.82 16.10
CA TYR A 255 -10.34 6.80 16.66
C TYR A 255 -11.74 6.62 16.07
N LYS A 256 -11.78 6.27 14.78
CA LYS A 256 -13.05 6.11 14.06
C LYS A 256 -13.81 4.85 14.49
N PHE A 257 -13.13 3.71 14.52
CA PHE A 257 -13.81 2.44 14.80
C PHE A 257 -13.42 1.83 16.15
N ASP A 258 -12.93 2.68 17.05
CA ASP A 258 -12.51 2.23 18.38
C ASP A 258 -11.64 0.97 18.32
N LEU A 259 -10.63 0.99 17.46
CA LEU A 259 -9.65 -0.10 17.38
C LEU A 259 -8.38 0.29 18.13
N ALA A 260 -7.49 -0.69 18.31
CA ALA A 260 -6.23 -0.44 18.99
C ALA A 260 -5.18 0.14 18.04
N ALA A 261 -4.81 1.39 18.28
CA ALA A 261 -3.81 2.06 17.45
C ALA A 261 -2.52 1.25 17.38
N TYR A 262 -1.98 1.14 16.17
CA TYR A 262 -0.73 0.42 15.92
C TYR A 262 -0.84 -1.08 16.14
N ASP A 263 -2.06 -1.60 16.14
CA ASP A 263 -2.27 -3.04 16.07
C ASP A 263 -1.91 -3.50 14.66
N TYR A 264 -1.14 -4.58 14.56
CA TYR A 264 -0.74 -5.08 13.24
C TYR A 264 0.26 -4.11 12.61
N ASP A 265 1.08 -3.46 13.45
CA ASP A 265 2.09 -2.53 12.98
C ASP A 265 3.25 -3.29 12.35
N ILE A 266 3.01 -3.82 11.15
CA ILE A 266 4.03 -4.61 10.45
C ILE A 266 3.96 -4.40 8.95
N ALA A 267 5.11 -4.41 8.29
CA ALA A 267 5.15 -4.24 6.84
C ALA A 267 6.45 -4.78 6.23
N ILE A 268 6.36 -5.23 4.99
CA ILE A 268 7.53 -5.79 4.31
C ILE A 268 7.90 -5.00 3.06
N ILE A 269 9.17 -4.62 2.98
CA ILE A 269 9.69 -3.88 1.82
C ILE A 269 10.41 -4.80 0.83
N GLN A 270 10.07 -4.69 -0.44
CA GLN A 270 10.71 -5.51 -1.47
C GLN A 270 11.61 -4.66 -2.35
N MET A 271 12.91 -4.85 -2.21
CA MET A 271 13.90 -4.07 -2.95
C MET A 271 13.79 -4.31 -4.45
N LYS A 272 14.30 -3.37 -5.25
CA LYS A 272 14.38 -3.56 -6.69
C LYS A 272 15.48 -4.56 -7.02
N THR A 273 16.63 -4.42 -6.38
CA THR A 273 17.76 -5.30 -6.60
C THR A 273 18.24 -5.97 -5.31
N PRO A 274 18.63 -7.24 -5.41
CA PRO A 274 19.18 -8.02 -4.30
C PRO A 274 20.27 -7.25 -3.55
N ILE A 275 20.20 -7.27 -2.22
CA ILE A 275 21.18 -6.61 -1.39
C ILE A 275 22.46 -7.43 -1.32
N GLN A 276 23.60 -6.74 -1.39
CA GLN A 276 24.89 -7.42 -1.31
C GLN A 276 25.27 -7.64 0.15
N PHE A 277 25.29 -8.89 0.59
CA PHE A 277 25.61 -9.20 1.97
C PHE A 277 27.11 -9.18 2.21
N SER A 278 27.52 -8.91 3.44
CA SER A 278 28.92 -8.90 3.81
C SER A 278 29.06 -8.91 5.33
N GLU A 279 30.29 -8.82 5.81
CA GLU A 279 30.54 -8.78 7.25
C GLU A 279 29.60 -7.80 7.93
N ASN A 280 29.46 -6.61 7.34
CA ASN A 280 28.62 -5.55 7.90
C ASN A 280 27.14 -5.67 7.57
N VAL A 281 26.80 -6.52 6.61
CA VAL A 281 25.42 -6.62 6.13
C VAL A 281 24.97 -8.07 6.01
N VAL A 282 24.03 -8.46 6.86
CA VAL A 282 23.48 -9.80 6.82
C VAL A 282 22.11 -9.77 7.49
N PRO A 283 21.26 -10.76 7.20
CA PRO A 283 19.89 -10.76 7.71
C PRO A 283 19.74 -11.33 9.12
N ALA A 284 18.60 -11.06 9.75
CA ALA A 284 18.26 -11.66 11.03
C ALA A 284 17.49 -12.96 10.81
N CYS A 285 17.68 -13.93 11.69
CA CYS A 285 17.08 -15.25 11.49
C CYS A 285 15.61 -15.28 11.88
N LEU A 286 14.76 -15.64 10.92
CA LEU A 286 13.34 -15.77 11.16
C LEU A 286 13.06 -17.07 11.92
N PRO A 287 12.42 -16.95 13.09
CA PRO A 287 12.13 -18.08 13.96
C PRO A 287 10.77 -18.69 13.65
N THR A 288 10.46 -19.82 14.28
CA THR A 288 9.14 -20.42 14.18
C THR A 288 8.28 -19.93 15.33
N ALA A 289 6.99 -19.75 15.08
CA ALA A 289 6.08 -19.28 16.11
C ALA A 289 6.35 -20.00 17.44
N ASP A 290 6.44 -21.32 17.38
CA ASP A 290 6.70 -22.12 18.56
C ASP A 290 8.02 -21.71 19.19
N PHE A 291 9.10 -21.90 18.45
CA PHE A 291 10.42 -21.60 18.96
C PHE A 291 10.41 -20.24 19.64
N ALA A 292 9.84 -19.25 18.98
CA ALA A 292 9.81 -17.89 19.49
C ALA A 292 8.91 -17.77 20.73
N ASN A 293 7.79 -18.51 20.74
CA ASN A 293 6.87 -18.49 21.87
C ASN A 293 7.38 -19.25 23.08
N GLN A 294 8.02 -20.39 22.84
CA GLN A 294 8.38 -21.31 23.92
C GLN A 294 9.83 -21.15 24.40
N VAL A 295 10.68 -20.57 23.56
CA VAL A 295 12.07 -20.37 23.93
C VAL A 295 12.49 -18.90 23.91
N LEU A 296 12.57 -18.32 22.70
CA LEU A 296 13.02 -16.94 22.57
C LEU A 296 12.32 -16.00 23.55
N MET A 297 11.00 -15.86 23.39
CA MET A 297 10.24 -14.92 24.20
C MET A 297 10.17 -15.29 25.69
N LYS A 298 10.83 -16.37 26.07
CA LYS A 298 10.96 -16.72 27.48
C LYS A 298 12.32 -16.30 28.01
N GLN A 299 13.14 -15.74 27.14
CA GLN A 299 14.46 -15.26 27.54
C GLN A 299 14.37 -14.03 28.44
N ASP A 300 15.50 -13.65 29.04
CA ASP A 300 15.55 -12.50 29.92
C ASP A 300 15.59 -11.18 29.15
N PHE A 301 16.34 -11.15 28.05
CA PHE A 301 16.55 -9.91 27.30
C PHE A 301 16.30 -10.04 25.81
N GLY A 302 16.03 -8.90 25.18
CA GLY A 302 16.07 -8.78 23.74
C GLY A 302 17.00 -7.64 23.41
N ILE A 303 17.47 -7.58 22.16
CA ILE A 303 18.27 -6.45 21.71
C ILE A 303 17.49 -5.63 20.69
N VAL A 304 17.59 -4.31 20.79
CA VAL A 304 16.93 -3.44 19.84
C VAL A 304 17.82 -2.27 19.47
N SER A 305 17.62 -1.72 18.27
CA SER A 305 18.47 -0.63 17.78
C SER A 305 17.74 0.27 16.80
N GLY A 306 18.35 1.43 16.52
CA GLY A 306 17.80 2.37 15.56
C GLY A 306 18.57 3.67 15.53
N PHE A 307 18.13 4.60 14.69
CA PHE A 307 18.77 5.90 14.56
C PHE A 307 17.88 6.98 15.17
N GLY A 308 16.86 6.54 15.90
CA GLY A 308 15.84 7.46 16.43
C GLY A 308 16.35 8.52 17.39
N ARG A 309 15.44 9.11 18.15
CA ARG A 309 15.77 10.18 19.07
C ARG A 309 16.48 9.66 20.32
N ILE A 310 17.42 10.45 20.84
CA ILE A 310 18.17 10.06 22.02
C ILE A 310 17.39 10.34 23.30
N VAL A 311 16.27 11.04 23.15
CA VAL A 311 15.41 11.37 24.30
C VAL A 311 14.10 11.96 23.83
N GLU A 312 13.02 11.64 24.55
CA GLU A 312 11.69 12.11 24.19
C GLU A 312 11.76 13.56 23.71
N LYS A 313 11.22 13.81 22.51
CA LYS A 313 11.21 15.15 21.93
C LYS A 313 12.62 15.67 21.65
N GLY A 314 13.62 14.84 21.89
CA GLY A 314 15.00 15.25 21.70
C GLY A 314 15.51 15.03 20.28
N PRO A 315 16.76 15.40 20.03
CA PRO A 315 17.34 15.28 18.69
C PRO A 315 17.64 13.84 18.32
N LYS A 316 17.54 13.52 17.04
CA LYS A 316 17.90 12.20 16.56
C LYS A 316 19.41 12.00 16.75
N SER A 317 19.83 10.75 16.92
CA SER A 317 21.24 10.47 17.17
C SER A 317 22.07 10.68 15.92
N LYS A 318 23.38 10.80 16.10
CA LYS A 318 24.30 10.97 14.98
C LYS A 318 24.76 9.62 14.46
N THR A 319 24.57 8.58 15.26
CA THR A 319 25.06 7.24 14.95
C THR A 319 24.08 6.19 15.41
N LEU A 320 24.19 4.98 14.85
CA LEU A 320 23.32 3.88 15.24
C LEU A 320 23.57 3.52 16.69
N LYS A 321 22.49 3.46 17.47
CA LYS A 321 22.56 3.05 18.87
C LYS A 321 21.91 1.68 19.04
N VAL A 322 22.42 0.89 19.98
CA VAL A 322 21.86 -0.43 20.26
C VAL A 322 21.58 -0.60 21.75
N LEU A 323 20.49 -1.27 22.07
CA LEU A 323 20.03 -1.36 23.45
C LEU A 323 19.53 -2.74 23.82
N LYS A 324 19.90 -3.21 25.01
CA LYS A 324 19.29 -4.40 25.58
C LYS A 324 18.04 -4.00 26.36
N VAL A 325 16.93 -4.68 26.11
CA VAL A 325 15.71 -4.42 26.86
C VAL A 325 15.08 -5.71 27.36
N PRO A 326 14.88 -5.82 28.67
CA PRO A 326 14.32 -7.00 29.31
C PRO A 326 12.88 -7.24 28.87
N TYR A 327 12.49 -8.51 28.77
CA TYR A 327 11.12 -8.88 28.47
C TYR A 327 10.21 -8.59 29.66
N VAL A 328 9.10 -7.89 29.42
CA VAL A 328 8.16 -7.57 30.48
C VAL A 328 6.95 -8.49 30.42
N ASP A 329 6.42 -8.84 31.58
CA ASP A 329 5.24 -9.69 31.68
C ASP A 329 4.00 -8.95 31.18
N ARG A 330 3.20 -9.62 30.35
CA ARG A 330 2.03 -8.99 29.76
C ARG A 330 1.16 -8.28 30.79
N HIS A 331 1.12 -8.80 32.02
CA HIS A 331 0.32 -8.18 33.08
C HIS A 331 0.90 -6.82 33.46
N THR A 332 2.15 -6.82 33.92
CA THR A 332 2.84 -5.59 34.26
C THR A 332 2.75 -4.63 33.09
N CYS A 333 2.24 -5.15 31.98
CA CYS A 333 2.12 -4.38 30.77
C CYS A 333 0.74 -3.70 30.70
N MET A 334 -0.30 -4.43 31.08
CA MET A 334 -1.66 -3.89 31.03
C MET A 334 -1.88 -2.92 32.17
N VAL A 335 -1.04 -3.03 33.19
CA VAL A 335 -1.20 -2.27 34.41
C VAL A 335 -0.50 -0.92 34.36
N SER A 336 0.40 -0.78 33.39
CA SER A 336 1.34 0.34 33.35
C SER A 336 0.84 1.55 32.58
N SER A 337 -0.06 1.32 31.63
CA SER A 337 -0.48 2.38 30.72
C SER A 337 -1.98 2.43 30.49
N GLU A 338 -2.46 3.63 30.17
CA GLU A 338 -3.85 3.80 29.74
C GLU A 338 -4.08 3.04 28.44
N THR A 339 -3.03 2.93 27.62
CA THR A 339 -3.11 2.21 26.35
C THR A 339 -2.67 0.77 26.52
N PRO A 340 -3.62 -0.18 26.44
CA PRO A 340 -3.32 -1.61 26.54
C PRO A 340 -2.74 -2.16 25.23
N ILE A 341 -1.68 -2.97 25.34
CA ILE A 341 -1.13 -3.63 24.17
C ILE A 341 -1.97 -4.84 23.77
N THR A 342 -2.30 -4.95 22.49
CA THR A 342 -3.07 -6.08 21.97
C THR A 342 -2.27 -7.38 22.05
N PRO A 343 -2.91 -8.50 21.68
CA PRO A 343 -2.26 -9.81 21.70
C PRO A 343 -1.23 -9.96 20.59
N ASN A 344 -1.16 -8.97 19.70
CA ASN A 344 -0.21 -8.96 18.59
C ASN A 344 1.01 -8.11 18.90
N MET A 345 1.04 -7.60 20.13
CA MET A 345 2.16 -6.79 20.59
C MET A 345 2.76 -7.40 21.83
N PHE A 346 3.94 -6.92 22.21
CA PHE A 346 4.52 -7.23 23.51
C PHE A 346 5.35 -6.03 23.94
N CYS A 347 5.54 -5.85 25.24
CA CYS A 347 6.31 -4.70 25.70
C CYS A 347 7.64 -5.10 26.30
N ALA A 348 8.57 -4.16 26.30
CA ALA A 348 9.91 -4.39 26.81
C ALA A 348 10.53 -3.07 27.18
N GLY A 349 11.29 -3.05 28.27
CA GLY A 349 11.94 -1.84 28.71
C GLY A 349 12.30 -1.94 30.18
N TYR A 350 12.44 -0.79 30.82
CA TYR A 350 12.75 -0.74 32.24
C TYR A 350 11.68 0.05 32.98
N ASP A 351 11.52 -0.24 34.27
CA ASP A 351 10.59 0.49 35.12
C ASP A 351 11.03 1.95 35.26
N THR A 352 12.23 2.14 35.83
CA THR A 352 12.74 3.47 36.14
C THR A 352 14.04 3.80 35.41
N LEU A 353 14.65 2.81 34.78
CA LEU A 353 15.89 3.02 34.06
C LEU A 353 15.60 3.66 32.70
N PRO A 354 16.17 4.84 32.44
CA PRO A 354 15.91 5.65 31.25
C PRO A 354 16.37 5.00 29.94
N ARG A 355 15.90 3.78 29.67
CA ARG A 355 16.28 3.07 28.46
C ARG A 355 15.08 2.58 27.70
N ASP A 356 14.90 3.09 26.49
CA ASP A 356 13.77 2.71 25.67
C ASP A 356 14.06 3.03 24.21
N ALA A 357 13.22 2.52 23.31
CA ALA A 357 13.25 2.98 21.94
C ALA A 357 12.56 4.34 21.94
N CYS A 358 12.63 5.06 20.83
CA CYS A 358 11.99 6.37 20.73
C CYS A 358 11.54 6.64 19.30
N GLN A 359 11.00 7.82 19.05
CA GLN A 359 10.52 8.16 17.71
C GLN A 359 11.69 8.07 16.73
N GLY A 360 11.45 7.47 15.58
CA GLY A 360 12.48 7.33 14.56
C GLY A 360 13.12 5.97 14.61
N ASP A 361 12.85 5.25 15.69
CA ASP A 361 13.37 3.90 15.86
C ASP A 361 12.39 2.87 15.30
N SER A 362 11.18 3.32 15.02
CA SER A 362 10.14 2.42 14.51
C SER A 362 10.66 1.59 13.34
N GLY A 363 10.22 0.35 13.26
CA GLY A 363 10.64 -0.53 12.17
C GLY A 363 11.92 -1.26 12.51
N GLY A 364 12.67 -0.69 13.45
CA GLY A 364 13.93 -1.30 13.89
C GLY A 364 13.74 -2.73 14.38
N PRO A 365 14.83 -3.49 14.44
CA PRO A 365 14.77 -4.88 14.90
C PRO A 365 14.75 -5.02 16.41
N HIS A 366 13.89 -5.91 16.90
CA HIS A 366 14.02 -6.43 18.26
C HIS A 366 14.42 -7.88 18.08
N THR A 367 15.69 -8.20 18.34
CA THR A 367 16.16 -9.57 18.16
C THR A 367 16.43 -10.23 19.51
N THR A 368 16.30 -11.55 19.56
CA THR A 368 16.64 -12.32 20.74
C THR A 368 17.72 -13.34 20.41
N VAL A 369 18.72 -13.45 21.28
CA VAL A 369 19.85 -14.34 21.03
C VAL A 369 19.59 -15.74 21.56
N TYR A 370 19.98 -16.75 20.79
CA TYR A 370 19.91 -18.12 21.26
C TYR A 370 20.99 -18.95 20.57
N ARG A 371 21.94 -19.41 21.37
CA ARG A 371 23.11 -20.14 20.87
C ARG A 371 23.88 -19.30 19.85
N ASP A 372 24.28 -18.10 20.28
CA ASP A 372 25.10 -17.20 19.46
C ASP A 372 24.51 -16.88 18.09
N THR A 373 23.20 -17.07 17.93
CA THR A 373 22.52 -16.71 16.71
C THR A 373 21.38 -15.73 17.02
N HIS A 374 21.14 -14.80 16.11
CA HIS A 374 20.13 -13.77 16.32
C HIS A 374 18.83 -14.05 15.59
N PHE A 375 17.75 -14.20 16.35
CA PHE A 375 16.43 -14.38 15.77
C PHE A 375 15.62 -13.11 15.94
N ILE A 376 14.90 -12.72 14.88
CA ILE A 376 14.01 -11.58 14.94
C ILE A 376 12.77 -11.99 15.72
N THR A 377 12.44 -11.22 16.76
CA THR A 377 11.29 -11.53 17.60
C THR A 377 10.26 -10.41 17.66
N GLY A 378 10.72 -9.18 17.45
CA GLY A 378 9.81 -8.04 17.52
C GLY A 378 10.13 -6.92 16.54
N ILE A 379 9.25 -5.93 16.49
CA ILE A 379 9.48 -4.72 15.71
C ILE A 379 9.17 -3.51 16.57
N VAL A 380 10.05 -2.52 16.54
CA VAL A 380 9.80 -1.27 17.25
C VAL A 380 8.53 -0.63 16.69
N SER A 381 7.53 -0.44 17.55
CA SER A 381 6.21 -0.02 17.11
C SER A 381 5.75 1.29 17.74
N SER A 382 5.62 1.31 19.07
CA SER A 382 5.09 2.48 19.78
C SER A 382 5.47 2.51 21.26
N GLY A 383 4.88 3.48 21.98
CA GLY A 383 5.06 3.61 23.42
C GLY A 383 4.74 5.01 23.92
N GLU A 384 4.30 5.10 25.18
CA GLU A 384 4.01 6.39 25.79
C GLU A 384 5.32 7.12 26.06
N GLY A 385 5.60 8.13 25.24
CA GLY A 385 6.85 8.88 25.36
C GLY A 385 8.04 7.96 25.18
N CYS A 386 9.17 8.33 25.76
CA CYS A 386 10.39 7.53 25.69
C CYS A 386 11.10 7.49 27.05
N ALA A 387 11.27 6.28 27.58
CA ALA A 387 11.93 6.10 28.87
C ALA A 387 11.24 6.81 30.04
N ARG A 388 9.94 6.59 30.20
CA ARG A 388 9.19 7.15 31.32
C ARG A 388 9.04 6.16 32.47
N ASN A 389 8.88 6.69 33.67
CA ASN A 389 8.74 5.86 34.86
C ASN A 389 7.50 5.00 34.83
N GLY A 390 7.71 3.69 34.93
CA GLY A 390 6.61 2.73 35.00
C GLY A 390 5.98 2.46 33.64
N LYS A 391 6.71 2.77 32.57
CA LYS A 391 6.21 2.54 31.22
C LYS A 391 7.28 1.91 30.33
N TYR A 392 6.84 1.08 29.38
CA TYR A 392 7.75 0.34 28.52
C TYR A 392 7.44 0.51 27.04
N GLY A 393 8.38 0.10 26.20
CA GLY A 393 8.19 0.18 24.77
C GLY A 393 7.26 -0.91 24.31
N ASN A 394 6.54 -0.65 23.22
CA ASN A 394 5.65 -1.65 22.64
C ASN A 394 6.20 -2.17 21.32
N TYR A 395 6.12 -3.48 21.13
CA TYR A 395 6.72 -4.13 19.98
C TYR A 395 5.72 -5.06 19.30
N THR A 396 5.79 -5.10 17.97
CA THR A 396 4.98 -6.03 17.19
C THR A 396 5.40 -7.44 17.53
N LYS A 397 4.56 -8.16 18.26
CA LYS A 397 4.86 -9.55 18.62
C LYS A 397 5.00 -10.39 17.37
N LEU A 398 6.23 -10.48 16.86
CA LEU A 398 6.47 -11.08 15.55
C LEU A 398 6.04 -12.55 15.42
N SER A 399 6.00 -13.27 16.54
CA SER A 399 5.61 -14.69 16.50
C SER A 399 4.17 -14.88 16.06
N LYS A 400 3.39 -13.79 16.06
CA LYS A 400 2.00 -13.83 15.62
C LYS A 400 1.91 -13.68 14.10
N PHE A 401 3.00 -13.25 13.48
CA PHE A 401 2.96 -12.91 12.06
C PHE A 401 3.92 -13.73 11.20
N ILE A 402 4.29 -14.92 11.69
CA ILE A 402 5.29 -15.72 10.99
C ILE A 402 4.77 -16.28 9.68
N PRO A 403 3.57 -16.89 9.71
CA PRO A 403 3.02 -17.37 8.44
C PRO A 403 2.72 -16.20 7.49
N TRP A 404 2.38 -15.04 8.05
CA TRP A 404 2.12 -13.85 7.23
C TRP A 404 3.39 -13.50 6.48
N ILE A 405 4.51 -13.50 7.20
CA ILE A 405 5.81 -13.23 6.61
C ILE A 405 6.19 -14.30 5.59
N LYS A 406 6.02 -15.57 5.96
CA LYS A 406 6.39 -16.67 5.10
C LYS A 406 5.67 -16.66 3.74
N ARG A 407 4.39 -16.28 3.75
CA ARG A 407 3.62 -16.22 2.52
C ARG A 407 4.22 -15.23 1.54
N ILE A 408 4.55 -14.04 2.03
CA ILE A 408 5.06 -12.98 1.17
C ILE A 408 6.49 -13.23 0.69
N MET A 409 7.22 -14.04 1.44
CA MET A 409 8.61 -14.34 1.07
C MET A 409 8.69 -15.47 0.06
N ARG A 410 7.55 -16.07 -0.26
CA ARG A 410 7.50 -17.18 -1.22
C ARG A 410 7.74 -16.69 -2.65
N CYS B 89 2.06 10.18 -37.19
CA CYS B 89 0.71 9.58 -36.99
C CYS B 89 -0.22 10.52 -36.22
N ARG B 90 -0.21 11.80 -36.58
CA ARG B 90 -1.04 12.79 -35.91
C ARG B 90 -2.07 13.41 -36.86
N VAL B 91 -2.02 12.99 -38.12
CA VAL B 91 -2.95 13.49 -39.13
C VAL B 91 -3.95 12.41 -39.54
N ASP B 92 -5.05 12.33 -38.80
CA ASP B 92 -6.09 11.34 -39.06
C ASP B 92 -5.90 10.10 -38.17
N ASN B 93 -4.89 10.15 -37.31
CA ASN B 93 -4.57 9.04 -36.42
C ASN B 93 -3.98 7.86 -37.19
N GLY B 94 -3.37 8.15 -38.34
CA GLY B 94 -2.86 7.11 -39.22
C GLY B 94 -4.00 6.35 -39.86
N ASN B 95 -5.20 6.90 -39.72
CA ASN B 95 -6.40 6.26 -40.22
C ASN B 95 -6.81 5.03 -39.43
N CYS B 96 -6.03 4.71 -38.39
CA CYS B 96 -6.36 3.61 -37.50
C CYS B 96 -7.65 3.92 -36.77
N TRP B 97 -8.41 2.88 -36.45
CA TRP B 97 -9.63 3.03 -35.66
C TRP B 97 -9.29 3.25 -34.19
N HIS B 98 -8.33 2.50 -33.69
CA HIS B 98 -7.86 2.67 -32.31
C HIS B 98 -6.41 3.12 -32.26
N PHE B 99 -5.51 2.16 -32.06
CA PHE B 99 -4.11 2.47 -31.76
C PHE B 99 -3.22 2.50 -33.00
N CYS B 100 -2.35 3.49 -33.06
CA CYS B 100 -1.44 3.66 -34.18
C CYS B 100 0.00 3.85 -33.71
N LYS B 101 0.95 3.48 -34.58
CA LYS B 101 2.36 3.63 -34.27
C LYS B 101 3.20 3.52 -35.54
N HIS B 102 3.95 4.58 -35.86
CA HIS B 102 4.80 4.58 -37.04
C HIS B 102 6.21 4.17 -36.67
N ILE B 107 3.14 3.46 -41.09
CA ILE B 107 2.53 3.26 -39.78
C ILE B 107 1.87 1.90 -39.66
N GLN B 108 1.66 1.47 -38.43
CA GLN B 108 0.96 0.21 -38.14
C GLN B 108 -0.16 0.47 -37.14
N CYS B 109 -1.30 -0.18 -37.35
CA CYS B 109 -2.43 -0.01 -36.44
C CYS B 109 -2.64 -1.25 -35.58
N SER B 110 -3.59 -1.16 -34.66
CA SER B 110 -3.91 -2.25 -33.76
C SER B 110 -5.10 -1.86 -32.90
N CYS B 111 -5.70 -2.83 -32.22
CA CYS B 111 -6.92 -2.57 -31.48
C CYS B 111 -6.78 -2.90 -29.99
N ALA B 112 -7.75 -2.45 -29.21
CA ALA B 112 -7.79 -2.78 -27.79
C ALA B 112 -8.14 -4.25 -27.64
N GLU B 113 -7.82 -4.82 -26.47
CA GLU B 113 -8.08 -6.23 -26.20
C GLU B 113 -9.52 -6.60 -26.53
N GLY B 114 -9.70 -7.71 -27.23
CA GLY B 114 -11.04 -8.18 -27.59
C GLY B 114 -11.54 -7.56 -28.88
N TYR B 115 -10.63 -7.02 -29.67
CA TYR B 115 -10.95 -6.44 -30.97
C TYR B 115 -9.99 -6.96 -32.03
N LEU B 116 -10.47 -7.08 -33.26
CA LEU B 116 -9.67 -7.62 -34.35
C LEU B 116 -9.40 -6.55 -35.41
N LEU B 117 -8.20 -6.58 -35.96
CA LEU B 117 -7.81 -5.65 -37.01
C LEU B 117 -8.58 -5.95 -38.30
N GLY B 118 -9.26 -4.94 -38.82
CA GLY B 118 -10.09 -5.09 -40.02
C GLY B 118 -9.31 -5.62 -41.21
N GLU B 119 -10.05 -6.07 -42.23
CA GLU B 119 -9.45 -6.61 -43.44
C GLU B 119 -8.72 -5.54 -44.25
N ASP B 120 -8.89 -4.28 -43.87
CA ASP B 120 -8.25 -3.17 -44.55
C ASP B 120 -6.91 -2.81 -43.91
N GLY B 121 -6.74 -3.18 -42.65
CA GLY B 121 -5.51 -2.90 -41.92
C GLY B 121 -5.62 -1.71 -40.98
N HIS B 122 -6.78 -1.07 -40.98
CA HIS B 122 -7.01 0.12 -40.17
C HIS B 122 -8.22 -0.02 -39.25
N SER B 123 -9.12 -0.95 -39.59
CA SER B 123 -10.38 -1.09 -38.87
C SER B 123 -10.22 -1.93 -37.60
N CYS B 124 -11.21 -1.86 -36.72
CA CYS B 124 -11.24 -2.62 -35.48
C CYS B 124 -12.66 -3.08 -35.20
N VAL B 125 -12.86 -4.39 -35.14
CA VAL B 125 -14.18 -4.93 -34.83
C VAL B 125 -14.13 -5.83 -33.60
N ALA B 126 -15.21 -5.86 -32.84
CA ALA B 126 -15.29 -6.70 -31.64
C ALA B 126 -15.22 -8.18 -31.98
N GLY B 127 -14.17 -8.85 -31.49
CA GLY B 127 -13.95 -10.25 -31.78
C GLY B 127 -14.58 -11.18 -30.76
N GLY B 128 -15.52 -10.64 -29.98
CA GLY B 128 -16.22 -11.43 -28.98
C GLY B 128 -17.34 -10.64 -28.35
N ASN B 129 -18.25 -11.34 -27.69
CA ASN B 129 -19.43 -10.71 -27.08
C ASN B 129 -19.13 -9.96 -25.78
N PHE B 130 -17.98 -10.27 -25.17
CA PHE B 130 -17.58 -9.58 -23.93
C PHE B 130 -16.36 -8.70 -24.13
N SER B 131 -16.21 -8.13 -25.32
CA SER B 131 -15.12 -7.22 -25.60
C SER B 131 -15.34 -5.90 -24.88
N CYS B 132 -14.25 -5.31 -24.39
CA CYS B 132 -14.31 -4.06 -23.64
C CYS B 132 -14.89 -2.93 -24.47
N GLY B 133 -15.52 -1.97 -23.79
CA GLY B 133 -15.96 -0.73 -24.42
C GLY B 133 -17.25 -0.81 -25.21
N ARG B 134 -17.97 -1.92 -25.07
CA ARG B 134 -19.25 -2.09 -25.75
C ARG B 134 -20.40 -1.79 -24.81
N ASN B 135 -21.28 -0.89 -25.23
CA ASN B 135 -22.40 -0.45 -24.41
C ASN B 135 -23.71 -0.67 -25.14
N ILE B 136 -24.82 -0.37 -24.48
CA ILE B 136 -26.14 -0.46 -25.10
C ILE B 136 -26.20 0.42 -26.36
N LYS B 137 -25.30 0.16 -27.30
CA LYS B 137 -25.21 0.95 -28.52
C LYS B 137 -24.10 0.40 -29.42
N ILE B 170 -22.92 12.41 -8.26
CA ILE B 170 -23.11 13.15 -9.50
C ILE B 170 -24.22 14.19 -9.33
N VAL B 171 -23.95 15.41 -9.78
CA VAL B 171 -24.91 16.51 -9.65
C VAL B 171 -25.53 16.82 -11.00
N ASN B 172 -26.84 16.60 -11.10
CA ASN B 172 -27.56 16.85 -12.35
C ASN B 172 -27.12 15.92 -13.48
N GLY B 173 -27.21 14.62 -13.22
CA GLY B 173 -26.98 13.62 -14.25
C GLY B 173 -28.25 12.84 -14.51
N MET B 174 -28.20 11.92 -15.47
CA MET B 174 -29.34 11.08 -15.77
C MET B 174 -29.07 9.64 -15.33
N ASP B 175 -30.12 8.94 -14.94
CA ASP B 175 -29.99 7.54 -14.54
C ASP B 175 -29.31 6.72 -15.62
N CYS B 176 -28.22 6.04 -15.27
CA CYS B 176 -27.58 5.14 -16.22
C CYS B 176 -28.32 3.80 -16.24
N LYS B 177 -29.18 3.64 -17.26
CA LYS B 177 -29.94 2.41 -17.43
C LYS B 177 -29.04 1.18 -17.32
N LEU B 178 -29.66 0.02 -17.14
CA LEU B 178 -28.94 -1.23 -17.05
C LEU B 178 -28.17 -1.45 -18.35
N GLY B 179 -26.90 -1.79 -18.25
CA GLY B 179 -26.09 -2.12 -19.42
C GLY B 179 -25.55 -0.90 -20.13
N GLU B 180 -25.86 0.29 -19.60
CA GLU B 180 -25.34 1.52 -20.15
C GLU B 180 -23.98 1.88 -19.53
N CYS B 181 -23.73 1.35 -18.34
CA CYS B 181 -22.46 1.54 -17.67
C CYS B 181 -22.02 0.21 -17.05
N PRO B 182 -21.76 -0.80 -17.91
CA PRO B 182 -21.40 -2.16 -17.46
C PRO B 182 -20.09 -2.19 -16.68
N TRP B 183 -19.17 -1.30 -17.02
CA TRP B 183 -17.85 -1.25 -16.38
C TRP B 183 -17.91 -0.60 -14.99
N GLN B 184 -19.10 -0.16 -14.58
CA GLN B 184 -19.26 0.53 -13.31
C GLN B 184 -19.27 -0.44 -12.13
N ALA B 185 -18.24 -0.38 -11.30
CA ALA B 185 -18.20 -1.19 -10.09
C ALA B 185 -18.69 -0.39 -8.90
N ALA B 186 -18.97 -1.08 -7.81
CA ALA B 186 -19.45 -0.43 -6.60
C ALA B 186 -18.70 -0.93 -5.37
N LEU B 187 -17.98 -0.04 -4.71
CA LEU B 187 -17.28 -0.38 -3.49
C LEU B 187 -18.24 -0.22 -2.33
N VAL B 188 -18.38 -1.27 -1.53
CA VAL B 188 -19.43 -1.33 -0.51
C VAL B 188 -18.90 -1.62 0.89
N ASP B 189 -19.50 -0.95 1.87
CA ASP B 189 -19.09 -1.11 3.26
C ASP B 189 -20.30 -1.29 4.17
N GLU B 190 -20.19 -2.23 5.10
CA GLU B 190 -21.30 -2.54 5.99
C GLU B 190 -21.99 -1.29 6.54
N LYS B 191 -21.22 -0.44 7.22
CA LYS B 191 -21.79 0.74 7.88
C LYS B 191 -22.04 1.90 6.91
N GLU B 192 -21.14 2.08 5.95
CA GLU B 192 -21.16 3.27 5.11
C GLU B 192 -21.96 3.11 3.83
N GLY B 193 -22.15 1.86 3.39
CA GLY B 193 -22.82 1.59 2.12
C GLY B 193 -21.87 1.68 0.95
N VAL B 194 -22.32 2.31 -0.13
CA VAL B 194 -21.46 2.52 -1.30
C VAL B 194 -20.74 3.86 -1.20
N PHE B 195 -19.48 3.81 -0.76
CA PHE B 195 -18.71 5.02 -0.50
C PHE B 195 -17.95 5.50 -1.73
N CYS B 196 -17.71 4.58 -2.66
CA CYS B 196 -16.96 4.85 -3.88
C CYS B 196 -17.42 3.96 -5.01
N GLY B 197 -16.81 4.14 -6.17
CA GLY B 197 -17.06 3.30 -7.34
C GLY B 197 -15.76 2.89 -7.96
N GLY B 198 -15.83 2.24 -9.12
CA GLY B 198 -14.62 1.81 -9.81
C GLY B 198 -14.90 1.49 -11.26
N THR B 199 -13.90 0.98 -11.96
CA THR B 199 -14.07 0.57 -13.34
C THR B 199 -13.46 -0.80 -13.58
N ILE B 200 -14.21 -1.67 -14.24
CA ILE B 200 -13.74 -3.02 -14.51
C ILE B 200 -12.68 -2.99 -15.61
N LEU B 201 -11.48 -3.43 -15.27
CA LEU B 201 -10.41 -3.54 -16.25
C LEU B 201 -10.48 -4.92 -16.91
N SER B 202 -10.65 -5.94 -16.07
CA SER B 202 -10.81 -7.31 -16.52
C SER B 202 -11.68 -8.06 -15.52
N PRO B 203 -11.82 -9.37 -15.71
CA PRO B 203 -12.60 -10.23 -14.82
C PRO B 203 -12.11 -10.19 -13.38
N ILE B 204 -10.82 -9.93 -13.17
CA ILE B 204 -10.26 -9.94 -11.82
C ILE B 204 -9.50 -8.68 -11.44
N TYR B 205 -9.76 -7.58 -12.13
CA TYR B 205 -9.16 -6.30 -11.76
C TYR B 205 -10.17 -5.16 -11.84
N VAL B 206 -10.10 -4.27 -10.87
CA VAL B 206 -11.00 -3.12 -10.82
C VAL B 206 -10.23 -1.86 -10.45
N LEU B 207 -10.30 -0.85 -11.32
CA LEU B 207 -9.60 0.41 -11.10
C LEU B 207 -10.45 1.34 -10.24
N THR B 208 -9.80 2.02 -9.30
CA THR B 208 -10.46 3.03 -8.48
C THR B 208 -9.44 4.06 -8.02
N ALA B 209 -9.85 4.92 -7.09
CA ALA B 209 -8.95 5.92 -6.55
C ALA B 209 -8.27 5.39 -5.29
N ALA B 210 -7.02 5.77 -5.09
CA ALA B 210 -6.28 5.35 -3.91
C ALA B 210 -6.93 5.86 -2.61
N HIS B 211 -7.57 7.02 -2.67
CA HIS B 211 -8.15 7.60 -1.45
C HIS B 211 -9.45 6.93 -1.02
N CYS B 212 -9.91 5.95 -1.81
CA CYS B 212 -11.04 5.12 -1.44
C CYS B 212 -10.57 3.89 -0.64
N ILE B 213 -9.26 3.81 -0.42
CA ILE B 213 -8.67 2.64 0.21
C ILE B 213 -8.29 2.93 1.66
N ASN B 214 -8.78 2.09 2.56
CA ASN B 214 -8.48 2.24 3.98
C ASN B 214 -9.20 3.43 4.64
N GLU B 215 -10.40 3.74 4.16
CA GLU B 215 -11.19 4.79 4.82
C GLU B 215 -12.49 4.23 5.41
N THR B 216 -12.68 2.93 5.28
CA THR B 216 -13.82 2.24 5.89
C THR B 216 -13.34 0.94 6.53
N GLU B 217 -14.12 0.41 7.48
CA GLU B 217 -13.73 -0.82 8.17
C GLU B 217 -13.52 -1.97 7.19
N THR B 218 -14.58 -2.31 6.46
CA THR B 218 -14.52 -3.38 5.47
C THR B 218 -14.55 -2.80 4.07
N ILE B 219 -14.65 -3.67 3.07
CA ILE B 219 -14.72 -3.23 1.68
C ILE B 219 -14.86 -4.41 0.75
N SER B 220 -15.87 -4.37 -0.12
CA SER B 220 -16.09 -5.40 -1.12
C SER B 220 -16.68 -4.77 -2.38
N VAL B 221 -16.96 -5.58 -3.39
CA VAL B 221 -17.35 -5.05 -4.69
C VAL B 221 -18.71 -5.55 -5.17
N VAL B 222 -19.34 -4.76 -6.05
CA VAL B 222 -20.60 -5.14 -6.65
C VAL B 222 -20.71 -4.57 -8.05
N VAL B 223 -20.93 -5.45 -9.03
CA VAL B 223 -21.06 -5.03 -10.40
C VAL B 223 -22.37 -5.54 -11.00
N GLY B 224 -22.92 -4.77 -11.94
CA GLY B 224 -24.09 -5.20 -12.69
C GLY B 224 -25.39 -4.63 -12.15
N GLU B 225 -25.31 -3.84 -11.09
CA GLU B 225 -26.50 -3.26 -10.48
C GLU B 225 -26.48 -1.74 -10.54
N ILE B 226 -27.66 -1.14 -10.71
CA ILE B 226 -27.79 0.31 -10.79
C ILE B 226 -28.65 0.87 -9.65
N ASP B 227 -29.19 -0.02 -8.83
CA ASP B 227 -30.04 0.37 -7.73
C ASP B 227 -29.29 0.34 -6.40
N LYS B 228 -29.05 1.52 -5.83
CA LYS B 228 -28.22 1.63 -4.63
C LYS B 228 -28.68 0.69 -3.51
N SER B 229 -29.96 0.73 -3.18
CA SER B 229 -30.50 -0.05 -2.08
C SER B 229 -30.28 -1.55 -2.31
N ARG B 230 -30.38 -1.96 -3.56
CA ARG B 230 -30.25 -3.37 -3.91
C ARG B 230 -28.80 -3.83 -3.79
N ILE B 231 -27.88 -2.94 -4.15
CA ILE B 231 -26.45 -3.23 -4.06
C ILE B 231 -26.05 -3.49 -2.62
N GLU B 232 -26.33 -2.52 -1.76
CA GLU B 232 -25.99 -2.62 -0.35
C GLU B 232 -26.41 -3.96 0.26
N THR B 233 -27.72 -4.21 0.27
CA THR B 233 -28.28 -5.41 0.89
C THR B 233 -27.90 -6.70 0.18
N GLY B 234 -27.87 -6.66 -1.14
CA GLY B 234 -27.56 -7.85 -1.94
C GLY B 234 -26.24 -8.50 -1.57
N PRO B 235 -25.91 -9.62 -2.23
CA PRO B 235 -24.64 -10.30 -2.01
C PRO B 235 -23.48 -9.42 -2.42
N LEU B 236 -22.26 -9.86 -2.15
CA LEU B 236 -21.07 -9.05 -2.43
C LEU B 236 -19.89 -9.90 -2.88
N LEU B 237 -19.20 -9.43 -3.92
CA LEU B 237 -17.98 -10.08 -4.38
C LEU B 237 -16.82 -9.71 -3.45
N SER B 238 -16.00 -10.70 -3.11
CA SER B 238 -14.91 -10.51 -2.15
C SER B 238 -13.63 -9.98 -2.81
N VAL B 239 -12.87 -9.22 -2.05
CA VAL B 239 -11.64 -8.59 -2.53
C VAL B 239 -10.43 -9.39 -2.06
N ASP B 240 -9.50 -9.66 -2.98
CA ASP B 240 -8.32 -10.46 -2.66
C ASP B 240 -7.16 -9.60 -2.17
N LYS B 241 -6.61 -8.78 -3.06
CA LYS B 241 -5.55 -7.84 -2.72
C LYS B 241 -5.96 -6.44 -3.17
N ILE B 242 -5.07 -5.48 -2.98
CA ILE B 242 -5.32 -4.12 -3.43
C ILE B 242 -4.00 -3.39 -3.61
N TYR B 243 -3.78 -2.89 -4.84
CA TYR B 243 -2.58 -2.15 -5.16
C TYR B 243 -2.86 -0.66 -5.07
N VAL B 244 -2.02 0.05 -4.34
CA VAL B 244 -2.12 1.51 -4.25
C VAL B 244 -0.81 2.13 -4.74
N HIS B 245 -0.92 3.14 -5.59
CA HIS B 245 0.28 3.81 -6.11
C HIS B 245 1.12 4.32 -4.94
N LYS B 246 2.44 4.18 -5.05
CA LYS B 246 3.34 4.48 -3.94
C LYS B 246 3.50 5.97 -3.70
N LYS B 247 3.21 6.78 -4.71
CA LYS B 247 3.36 8.23 -4.62
C LYS B 247 2.04 8.95 -4.35
N PHE B 248 1.01 8.19 -4.00
CA PHE B 248 -0.28 8.79 -3.67
C PHE B 248 -0.08 9.81 -2.55
N VAL B 249 -0.69 10.98 -2.70
CA VAL B 249 -0.51 12.06 -1.72
C VAL B 249 -1.80 12.36 -0.95
N PRO B 250 -2.00 11.68 0.19
CA PRO B 250 -3.15 11.96 1.05
C PRO B 250 -3.08 13.37 1.65
N PRO B 251 -4.24 14.02 1.79
CA PRO B 251 -4.33 15.38 2.30
C PRO B 251 -3.29 15.69 3.37
N GLN B 252 -3.10 14.76 4.30
CA GLN B 252 -2.17 14.97 5.41
C GLN B 252 -0.72 15.06 4.96
N LYS B 253 -0.34 14.17 4.05
CA LYS B 253 1.02 14.20 3.49
C LYS B 253 1.22 15.51 2.72
N ALA B 254 0.13 15.99 2.12
CA ALA B 254 0.19 17.21 1.32
C ALA B 254 0.56 18.42 2.16
N TYR B 255 -0.19 18.66 3.23
CA TYR B 255 0.06 19.80 4.11
C TYR B 255 1.45 19.76 4.72
N LYS B 256 1.85 18.60 5.22
CA LYS B 256 3.15 18.43 5.87
C LYS B 256 4.32 18.67 4.93
N PHE B 257 4.19 18.22 3.68
CA PHE B 257 5.27 18.35 2.71
C PHE B 257 4.96 19.38 1.62
N ASP B 258 3.80 20.02 1.73
CA ASP B 258 3.38 21.00 0.74
C ASP B 258 3.27 20.36 -0.64
N LEU B 259 2.75 19.14 -0.69
CA LEU B 259 2.54 18.45 -1.96
C LEU B 259 1.09 18.58 -2.41
N ALA B 260 0.84 18.35 -3.68
CA ALA B 260 -0.51 18.45 -4.22
C ALA B 260 -1.38 17.27 -3.76
N ALA B 261 -2.29 17.54 -2.82
CA ALA B 261 -3.17 16.50 -2.27
C ALA B 261 -3.88 15.73 -3.37
N TYR B 262 -3.93 14.41 -3.22
CA TYR B 262 -4.62 13.53 -4.17
C TYR B 262 -3.88 13.41 -5.51
N ASP B 263 -2.58 13.66 -5.49
CA ASP B 263 -1.72 13.36 -6.64
C ASP B 263 -1.54 11.85 -6.69
N TYR B 264 -1.44 11.31 -7.89
CA TYR B 264 -1.31 9.86 -8.05
C TYR B 264 -2.48 9.14 -7.35
N ASP B 265 -3.68 9.69 -7.48
CA ASP B 265 -4.85 9.11 -6.82
C ASP B 265 -5.37 7.93 -7.65
N ILE B 266 -4.60 6.86 -7.68
CA ILE B 266 -4.97 5.66 -8.44
C ILE B 266 -4.73 4.38 -7.65
N ALA B 267 -5.62 3.40 -7.85
CA ALA B 267 -5.53 2.12 -7.16
C ALA B 267 -6.21 1.03 -7.98
N ILE B 268 -5.83 -0.22 -7.72
CA ILE B 268 -6.44 -1.35 -8.42
C ILE B 268 -6.79 -2.48 -7.44
N ILE B 269 -8.07 -2.86 -7.46
CA ILE B 269 -8.53 -3.95 -6.62
C ILE B 269 -8.54 -5.26 -7.37
N GLN B 270 -7.94 -6.30 -6.79
CA GLN B 270 -7.90 -7.61 -7.40
C GLN B 270 -8.90 -8.55 -6.73
N MET B 271 -9.92 -8.97 -7.49
CA MET B 271 -10.95 -9.86 -6.95
C MET B 271 -10.39 -11.25 -6.66
N LYS B 272 -10.98 -11.93 -5.67
CA LYS B 272 -10.53 -13.26 -5.30
C LYS B 272 -10.90 -14.29 -6.36
N THR B 273 -12.10 -14.16 -6.93
CA THR B 273 -12.51 -15.00 -8.06
C THR B 273 -12.94 -14.13 -9.23
N PRO B 274 -12.84 -14.66 -10.46
CA PRO B 274 -13.13 -13.89 -11.66
C PRO B 274 -14.58 -13.41 -11.68
N ILE B 275 -14.80 -12.22 -12.23
CA ILE B 275 -16.14 -11.67 -12.34
C ILE B 275 -16.81 -12.29 -13.55
N GLN B 276 -18.09 -12.62 -13.41
CA GLN B 276 -18.85 -13.20 -14.51
C GLN B 276 -19.36 -12.10 -15.44
N PHE B 277 -18.90 -12.11 -16.68
CA PHE B 277 -19.30 -11.09 -17.63
C PHE B 277 -20.68 -11.37 -18.22
N SER B 278 -21.31 -10.31 -18.74
CA SER B 278 -22.58 -10.39 -19.44
C SER B 278 -22.79 -9.08 -20.18
N GLU B 279 -23.95 -8.92 -20.80
CA GLU B 279 -24.24 -7.67 -21.52
C GLU B 279 -24.45 -6.50 -20.55
N ASN B 280 -24.43 -6.80 -19.25
CA ASN B 280 -24.51 -5.76 -18.23
C ASN B 280 -23.23 -5.63 -17.41
N VAL B 281 -22.31 -6.56 -17.63
CA VAL B 281 -21.06 -6.59 -16.89
C VAL B 281 -19.89 -6.87 -17.81
N VAL B 282 -19.22 -5.80 -18.25
CA VAL B 282 -18.09 -5.90 -19.15
C VAL B 282 -17.13 -4.76 -18.84
N PRO B 283 -15.84 -4.95 -19.16
CA PRO B 283 -14.80 -3.99 -18.82
C PRO B 283 -14.70 -2.84 -19.81
N ALA B 284 -14.15 -1.72 -19.36
CA ALA B 284 -13.90 -0.58 -20.23
C ALA B 284 -12.56 -0.80 -20.93
N CYS B 285 -12.35 -0.16 -22.07
CA CYS B 285 -11.14 -0.37 -22.85
C CYS B 285 -9.99 0.50 -22.36
N LEU B 286 -8.80 -0.10 -22.30
CA LEU B 286 -7.60 0.61 -21.88
C LEU B 286 -6.86 1.15 -23.11
N PRO B 287 -6.62 2.47 -23.14
CA PRO B 287 -6.00 3.08 -24.28
C PRO B 287 -4.48 3.06 -24.20
N THR B 288 -3.83 3.36 -25.32
CA THR B 288 -2.39 3.59 -25.32
C THR B 288 -2.14 5.03 -24.85
N ALA B 289 -1.04 5.25 -24.13
CA ALA B 289 -0.75 6.59 -23.65
C ALA B 289 -0.86 7.61 -24.79
N ASP B 290 -0.19 7.32 -25.90
CA ASP B 290 -0.23 8.21 -27.07
C ASP B 290 -1.65 8.42 -27.55
N PHE B 291 -2.39 7.32 -27.71
CA PHE B 291 -3.76 7.36 -28.21
C PHE B 291 -4.66 8.19 -27.30
N ALA B 292 -4.57 7.92 -26.00
CA ALA B 292 -5.36 8.64 -25.03
C ALA B 292 -4.99 10.11 -25.02
N ASN B 293 -3.76 10.41 -25.42
CA ASN B 293 -3.26 11.78 -25.40
C ASN B 293 -3.64 12.60 -26.63
N GLN B 294 -3.47 12.00 -27.80
CA GLN B 294 -3.68 12.72 -29.06
C GLN B 294 -5.11 12.67 -29.58
N VAL B 295 -5.82 11.58 -29.28
CA VAL B 295 -7.18 11.42 -29.78
C VAL B 295 -8.23 11.60 -28.67
N LEU B 296 -8.18 10.75 -27.66
CA LEU B 296 -9.21 10.74 -26.63
C LEU B 296 -9.41 12.11 -26.00
N MET B 297 -8.38 12.60 -25.33
CA MET B 297 -8.50 13.84 -24.57
C MET B 297 -8.61 15.07 -25.45
N LYS B 298 -8.49 14.87 -26.76
CA LYS B 298 -8.73 15.94 -27.72
C LYS B 298 -10.17 15.91 -28.17
N GLN B 299 -10.94 14.94 -27.68
CA GLN B 299 -12.36 14.87 -27.95
C GLN B 299 -13.09 15.96 -27.17
N ASP B 300 -14.39 16.11 -27.42
CA ASP B 300 -15.19 17.15 -26.81
C ASP B 300 -15.70 16.76 -25.42
N PHE B 301 -16.32 15.59 -25.33
CA PHE B 301 -16.96 15.16 -24.08
C PHE B 301 -16.42 13.86 -23.51
N GLY B 302 -16.70 13.64 -22.23
CA GLY B 302 -16.36 12.40 -21.54
C GLY B 302 -17.51 12.01 -20.63
N ILE B 303 -17.65 10.72 -20.35
CA ILE B 303 -18.73 10.24 -19.49
C ILE B 303 -18.26 9.91 -18.07
N VAL B 304 -18.97 10.44 -17.09
CA VAL B 304 -18.69 10.17 -15.69
C VAL B 304 -19.96 9.63 -15.03
N SER B 305 -19.81 8.64 -14.15
CA SER B 305 -20.96 8.09 -13.43
C SER B 305 -20.58 7.67 -12.03
N GLY B 306 -21.58 7.56 -11.16
CA GLY B 306 -21.36 7.14 -9.78
C GLY B 306 -22.65 7.11 -8.98
N PHE B 307 -22.57 6.57 -7.76
CA PHE B 307 -23.71 6.55 -6.86
C PHE B 307 -23.54 7.67 -5.84
N GLY B 308 -22.58 8.55 -6.12
CA GLY B 308 -22.27 9.65 -5.21
C GLY B 308 -23.49 10.49 -4.90
N ARG B 309 -23.29 11.51 -4.08
CA ARG B 309 -24.38 12.40 -3.70
C ARG B 309 -24.77 13.31 -4.86
N ILE B 310 -26.05 13.65 -4.93
CA ILE B 310 -26.59 14.41 -6.06
C ILE B 310 -26.49 15.91 -5.86
N VAL B 311 -25.99 16.32 -4.69
CA VAL B 311 -25.84 17.73 -4.37
C VAL B 311 -24.75 17.90 -3.34
N GLU B 312 -23.85 18.84 -3.58
CA GLU B 312 -22.77 19.08 -2.62
C GLU B 312 -23.34 18.94 -1.21
N LYS B 313 -22.71 18.08 -0.41
CA LYS B 313 -23.16 17.86 0.96
C LYS B 313 -24.59 17.34 0.99
N GLY B 314 -25.13 16.99 -0.18
CA GLY B 314 -26.50 16.49 -0.28
C GLY B 314 -26.61 14.99 -0.15
N PRO B 315 -27.80 14.44 -0.43
CA PRO B 315 -28.05 13.01 -0.26
C PRO B 315 -27.38 12.15 -1.33
N LYS B 316 -27.12 10.89 -1.00
CA LYS B 316 -26.65 9.93 -1.98
C LYS B 316 -27.79 9.52 -2.90
N SER B 317 -27.53 9.49 -4.20
CA SER B 317 -28.55 9.08 -5.15
C SER B 317 -28.93 7.62 -4.92
N LYS B 318 -30.19 7.30 -5.18
CA LYS B 318 -30.68 5.94 -5.04
C LYS B 318 -30.39 5.12 -6.31
N THR B 319 -29.90 5.79 -7.34
CA THR B 319 -29.64 5.15 -8.62
C THR B 319 -28.25 5.48 -9.15
N LEU B 320 -27.71 4.62 -9.99
CA LEU B 320 -26.46 4.91 -10.70
C LEU B 320 -26.68 6.05 -11.67
N LYS B 321 -26.05 7.19 -11.41
CA LYS B 321 -26.18 8.34 -12.28
C LYS B 321 -25.01 8.41 -13.25
N VAL B 322 -25.25 8.97 -14.43
CA VAL B 322 -24.23 9.14 -15.45
C VAL B 322 -24.29 10.56 -15.97
N LEU B 323 -23.14 11.09 -16.40
CA LEU B 323 -23.04 12.47 -16.82
C LEU B 323 -21.95 12.69 -17.88
N LYS B 324 -22.22 13.58 -18.83
CA LYS B 324 -21.23 13.98 -19.83
C LYS B 324 -20.57 15.31 -19.44
N VAL B 325 -19.25 15.36 -19.48
CA VAL B 325 -18.50 16.56 -19.10
C VAL B 325 -17.35 16.79 -20.08
N PRO B 326 -17.12 18.06 -20.46
CA PRO B 326 -16.13 18.37 -21.48
C PRO B 326 -14.72 18.55 -20.92
N TYR B 327 -13.73 18.03 -21.63
CA TYR B 327 -12.34 18.28 -21.30
C TYR B 327 -12.10 19.79 -21.23
N VAL B 328 -11.37 20.23 -20.20
CA VAL B 328 -11.04 21.63 -20.05
C VAL B 328 -9.54 21.81 -20.22
N ASP B 329 -9.14 22.90 -20.86
CA ASP B 329 -7.75 23.14 -21.20
C ASP B 329 -6.89 23.31 -19.96
N ARG B 330 -5.71 22.70 -19.99
CA ARG B 330 -4.73 22.83 -18.92
C ARG B 330 -4.79 24.16 -18.19
N HIS B 331 -4.50 25.24 -18.92
CA HIS B 331 -4.44 26.57 -18.32
C HIS B 331 -5.73 26.94 -17.57
N THR B 332 -6.85 27.00 -18.29
CA THR B 332 -8.13 27.30 -17.65
C THR B 332 -8.28 26.46 -16.40
N CYS B 333 -7.71 25.26 -16.47
CA CYS B 333 -7.78 24.30 -15.39
C CYS B 333 -7.06 24.81 -14.15
N MET B 334 -5.74 24.97 -14.25
CA MET B 334 -4.92 25.35 -13.10
C MET B 334 -5.34 26.70 -12.53
N VAL B 335 -5.53 27.67 -13.41
CA VAL B 335 -5.79 29.04 -12.99
C VAL B 335 -7.09 29.21 -12.18
N SER B 336 -8.01 28.27 -12.33
CA SER B 336 -9.32 28.39 -11.69
C SER B 336 -9.42 27.60 -10.39
N SER B 337 -8.29 27.03 -9.96
CA SER B 337 -8.26 26.17 -8.78
C SER B 337 -7.49 26.80 -7.62
N GLU B 338 -7.96 26.55 -6.40
CA GLU B 338 -7.28 27.04 -5.21
C GLU B 338 -6.03 26.21 -4.92
N THR B 339 -6.00 24.98 -5.44
CA THR B 339 -4.85 24.09 -5.25
C THR B 339 -4.29 23.59 -6.57
N PRO B 340 -2.99 23.22 -6.57
CA PRO B 340 -2.25 22.83 -7.76
C PRO B 340 -2.87 21.65 -8.51
N ILE B 341 -2.96 21.77 -9.83
CA ILE B 341 -3.41 20.68 -10.68
C ILE B 341 -2.21 20.07 -11.39
N THR B 342 -1.57 19.11 -10.73
CA THR B 342 -0.36 18.47 -11.25
C THR B 342 -0.58 17.76 -12.58
N PRO B 343 0.52 17.46 -13.29
CA PRO B 343 0.52 16.80 -14.61
C PRO B 343 -0.13 15.41 -14.60
N ASN B 344 -0.41 14.88 -13.41
CA ASN B 344 -0.96 13.55 -13.27
C ASN B 344 -2.48 13.57 -13.18
N MET B 345 -3.04 14.77 -13.16
CA MET B 345 -4.51 14.93 -13.14
C MET B 345 -4.96 15.80 -14.30
N PHE B 346 -6.27 15.91 -14.45
CA PHE B 346 -6.87 16.83 -15.43
C PHE B 346 -8.29 17.14 -14.96
N CYS B 347 -8.81 18.32 -15.33
CA CYS B 347 -10.15 18.70 -14.89
C CYS B 347 -11.18 18.67 -16.00
N ALA B 348 -12.45 18.52 -15.61
CA ALA B 348 -13.53 18.44 -16.56
C ALA B 348 -14.83 18.87 -15.90
N GLY B 349 -15.78 19.31 -16.71
CA GLY B 349 -17.04 19.81 -16.21
C GLY B 349 -17.41 21.10 -16.90
N TYR B 350 -18.18 21.93 -16.21
CA TYR B 350 -18.66 23.16 -16.81
C TYR B 350 -18.31 24.36 -15.95
N ASP B 351 -18.16 25.51 -16.60
CA ASP B 351 -17.84 26.75 -15.93
C ASP B 351 -18.97 27.16 -14.98
N THR B 352 -20.18 27.30 -15.52
CA THR B 352 -21.32 27.76 -14.74
C THR B 352 -22.45 26.73 -14.70
N LEU B 353 -22.50 25.89 -15.72
CA LEU B 353 -23.52 24.86 -15.83
C LEU B 353 -23.36 23.88 -14.68
N PRO B 354 -24.41 23.72 -13.86
CA PRO B 354 -24.31 22.99 -12.58
C PRO B 354 -24.27 21.46 -12.71
N ARG B 355 -23.35 20.96 -13.53
CA ARG B 355 -23.15 19.52 -13.67
C ARG B 355 -21.71 19.15 -13.29
N ASP B 356 -21.56 18.02 -12.60
CA ASP B 356 -20.26 17.65 -12.06
C ASP B 356 -20.40 16.39 -11.22
N ALA B 357 -19.27 15.74 -10.95
CA ALA B 357 -19.24 14.62 -10.00
C ALA B 357 -19.20 15.19 -8.58
N CYS B 358 -19.26 14.31 -7.58
CA CYS B 358 -19.30 14.76 -6.19
C CYS B 358 -18.80 13.65 -5.27
N GLN B 359 -18.80 13.92 -3.96
CA GLN B 359 -18.35 12.92 -3.00
C GLN B 359 -19.04 11.60 -3.29
N GLY B 360 -18.37 10.50 -2.95
CA GLY B 360 -18.93 9.17 -3.17
C GLY B 360 -18.68 8.67 -4.58
N ASP B 361 -18.41 9.59 -5.49
CA ASP B 361 -18.15 9.25 -6.89
C ASP B 361 -16.71 8.82 -7.13
N SER B 362 -15.84 9.09 -6.16
CA SER B 362 -14.42 8.77 -6.28
C SER B 362 -14.22 7.35 -6.81
N GLY B 363 -13.21 7.18 -7.64
CA GLY B 363 -12.92 5.86 -8.21
C GLY B 363 -13.78 5.61 -9.43
N GLY B 364 -14.91 6.31 -9.52
CA GLY B 364 -15.81 6.18 -10.66
C GLY B 364 -15.09 6.33 -11.99
N PRO B 365 -15.67 5.75 -13.05
CA PRO B 365 -15.05 5.81 -14.38
C PRO B 365 -15.20 7.17 -15.06
N HIS B 366 -14.21 7.50 -15.88
CA HIS B 366 -14.29 8.59 -16.81
C HIS B 366 -13.82 7.99 -18.11
N THR B 367 -14.74 7.81 -19.05
CA THR B 367 -14.40 7.21 -20.32
C THR B 367 -14.63 8.17 -21.48
N THR B 368 -13.92 7.93 -22.58
CA THR B 368 -14.11 8.70 -23.80
C THR B 368 -14.58 7.74 -24.88
N VAL B 369 -15.57 8.17 -25.66
CA VAL B 369 -16.07 7.37 -26.78
C VAL B 369 -15.31 7.69 -28.06
N TYR B 370 -14.97 6.64 -28.80
CA TYR B 370 -14.30 6.82 -30.09
C TYR B 370 -14.61 5.64 -31.00
N ARG B 371 -15.56 5.84 -31.91
CA ARG B 371 -16.00 4.78 -32.81
C ARG B 371 -16.71 3.70 -31.99
N ASP B 372 -17.86 4.07 -31.45
CA ASP B 372 -18.71 3.16 -30.69
C ASP B 372 -17.94 2.31 -29.70
N THR B 373 -16.89 2.89 -29.11
CA THR B 373 -16.05 2.18 -28.15
C THR B 373 -15.60 3.09 -27.02
N HIS B 374 -15.83 2.66 -25.78
CA HIS B 374 -15.44 3.44 -24.60
C HIS B 374 -14.05 3.05 -24.10
N PHE B 375 -13.20 4.05 -23.88
CA PHE B 375 -11.90 3.82 -23.26
C PHE B 375 -11.88 4.52 -21.91
N ILE B 376 -11.14 3.97 -20.95
N ILE B 376 -11.15 3.96 -20.94
CA ILE B 376 -10.95 4.65 -19.68
CA ILE B 376 -10.94 4.65 -19.68
C ILE B 376 -9.94 5.77 -19.85
C ILE B 376 -9.97 5.79 -19.93
N THR B 377 -10.30 6.97 -19.41
CA THR B 377 -9.42 8.12 -19.55
C THR B 377 -9.16 8.80 -18.21
N GLY B 378 -10.15 8.76 -17.31
CA GLY B 378 -10.00 9.40 -16.02
C GLY B 378 -10.54 8.62 -14.84
N ILE B 379 -10.29 9.13 -13.64
CA ILE B 379 -10.82 8.56 -12.40
C ILE B 379 -11.28 9.69 -11.48
N VAL B 380 -12.56 9.71 -11.15
CA VAL B 380 -13.08 10.69 -10.21
C VAL B 380 -12.13 10.74 -9.01
N SER B 381 -11.52 11.90 -8.78
CA SER B 381 -10.51 12.02 -7.73
C SER B 381 -10.84 13.09 -6.71
N SER B 382 -10.79 14.35 -7.11
CA SER B 382 -10.98 15.45 -6.19
C SER B 382 -11.79 16.58 -6.80
N GLY B 383 -12.13 17.55 -5.97
CA GLY B 383 -12.87 18.72 -6.42
C GLY B 383 -13.13 19.69 -5.27
N GLU B 384 -13.25 20.97 -5.61
CA GLU B 384 -13.60 21.99 -4.63
C GLU B 384 -15.12 22.14 -4.63
N GLY B 385 -15.78 21.49 -3.69
CA GLY B 385 -17.24 21.43 -3.69
C GLY B 385 -17.74 20.55 -4.81
N CYS B 386 -18.99 20.76 -5.23
CA CYS B 386 -19.56 19.99 -6.35
C CYS B 386 -20.39 20.89 -7.26
N ALA B 387 -19.92 21.08 -8.49
CA ALA B 387 -20.63 21.90 -9.47
C ALA B 387 -20.70 23.36 -9.06
N ARG B 388 -19.54 23.93 -8.72
CA ARG B 388 -19.47 25.34 -8.34
C ARG B 388 -19.04 26.22 -9.51
N ASN B 389 -19.47 27.47 -9.49
CA ASN B 389 -19.16 28.40 -10.57
C ASN B 389 -17.67 28.56 -10.76
N GLY B 390 -17.23 28.50 -12.03
CA GLY B 390 -15.84 28.74 -12.38
C GLY B 390 -14.87 27.68 -11.92
N LYS B 391 -15.41 26.58 -11.42
CA LYS B 391 -14.58 25.48 -10.91
C LYS B 391 -14.98 24.15 -11.56
N TYR B 392 -14.03 23.22 -11.59
CA TYR B 392 -14.23 21.95 -12.28
C TYR B 392 -13.95 20.76 -11.37
N GLY B 393 -14.17 19.56 -11.89
CA GLY B 393 -13.86 18.34 -11.17
C GLY B 393 -12.49 17.86 -11.59
N ASN B 394 -11.71 17.36 -10.63
CA ASN B 394 -10.38 16.84 -10.95
C ASN B 394 -10.40 15.35 -11.18
N TYR B 395 -9.53 14.87 -12.06
CA TYR B 395 -9.50 13.46 -12.44
C TYR B 395 -8.07 13.00 -12.60
N THR B 396 -7.80 11.75 -12.22
CA THR B 396 -6.52 11.15 -12.49
C THR B 396 -6.39 10.95 -14.00
N LYS B 397 -5.27 11.39 -14.56
CA LYS B 397 -5.04 11.32 -15.99
C LYS B 397 -4.38 10.00 -16.36
N LEU B 398 -5.18 9.03 -16.78
CA LEU B 398 -4.68 7.68 -17.02
C LEU B 398 -3.51 7.57 -18.00
N SER B 399 -3.42 8.51 -18.93
CA SER B 399 -2.35 8.47 -19.92
C SER B 399 -1.00 8.52 -19.22
N LYS B 400 -1.02 8.84 -17.93
CA LYS B 400 0.21 8.89 -17.13
C LYS B 400 0.42 7.59 -16.34
N PHE B 401 -0.59 6.73 -16.32
CA PHE B 401 -0.52 5.50 -15.51
C PHE B 401 -0.80 4.23 -16.31
N ILE B 402 -0.50 4.26 -17.59
CA ILE B 402 -0.73 3.09 -18.44
C ILE B 402 0.23 1.95 -18.11
N PRO B 403 1.53 2.25 -18.04
CA PRO B 403 2.52 1.24 -17.63
C PRO B 403 2.24 0.74 -16.21
N TRP B 404 1.80 1.63 -15.34
CA TRP B 404 1.46 1.26 -13.97
C TRP B 404 0.32 0.25 -13.97
N ILE B 405 -0.65 0.45 -14.85
CA ILE B 405 -1.78 -0.45 -14.97
C ILE B 405 -1.35 -1.75 -15.64
N LYS B 406 -0.69 -1.62 -16.79
CA LYS B 406 -0.26 -2.78 -17.54
C LYS B 406 0.54 -3.76 -16.67
N ARG B 407 1.49 -3.23 -15.90
CA ARG B 407 2.32 -4.08 -15.05
C ARG B 407 1.45 -5.01 -14.21
N ILE B 408 0.59 -4.43 -13.38
CA ILE B 408 -0.33 -5.20 -12.56
C ILE B 408 -1.15 -6.18 -13.39
N MET B 409 -1.89 -5.65 -14.37
CA MET B 409 -2.81 -6.47 -15.14
C MET B 409 -2.16 -7.71 -15.74
N ARG B 410 -0.89 -7.59 -16.12
CA ARG B 410 -0.18 -8.71 -16.73
C ARG B 410 0.63 -9.48 -15.70
N GLN B 411 -0.01 -10.45 -15.07
CA GLN B 411 0.63 -11.25 -14.03
C GLN B 411 -0.18 -12.51 -13.75
N ASP C 11 -4.84 -15.88 0.92
CA ASP C 11 -4.79 -14.41 1.17
C ASP C 11 -3.48 -13.99 1.83
N ILE C 12 -2.85 -12.95 1.28
CA ILE C 12 -1.62 -12.42 1.86
C ILE C 12 -1.93 -11.35 2.91
N PHE C 13 -3.22 -11.09 3.13
CA PHE C 13 -3.66 -10.11 4.11
C PHE C 13 -2.82 -8.83 4.05
N ALA C 14 -2.65 -8.29 2.84
CA ALA C 14 -1.81 -7.13 2.66
C ALA C 14 -2.30 -6.18 1.57
N ASP C 15 -1.86 -4.93 1.68
CA ASP C 15 -2.07 -3.95 0.63
C ASP C 15 -0.70 -3.65 0.02
N ILE C 16 -0.59 -3.81 -1.29
CA ILE C 16 0.69 -3.59 -1.96
C ILE C 16 0.78 -2.18 -2.51
N PHE C 17 1.94 -1.57 -2.33
CA PHE C 17 2.22 -0.24 -2.84
C PHE C 17 3.25 -0.30 -3.98
N ILE C 18 2.77 -0.26 -5.21
CA ILE C 18 3.65 -0.31 -6.37
C ILE C 18 3.75 1.06 -7.01
#